data_1KV8
#
_entry.id   1KV8
#
_cell.length_a   123.47
_cell.length_b   41.631
_cell.length_c   90.633
_cell.angle_alpha   90.0
_cell.angle_beta   97.2
_cell.angle_gamma   90.0
#
_symmetry.space_group_name_H-M   'C 1 2 1'
#
loop_
_entity.id
_entity.type
_entity.pdbx_description
1 polymer '3-Keto-L-Gulonate 6-Phosphate Decarboxylase'
2 non-polymer 'PHOSPHATE ION'
3 non-polymer 'MAGNESIUM ION'
4 water water
#
_entity_poly.entity_id   1
_entity_poly.type   'polypeptide(L)'
_entity_poly.pdbx_seq_one_letter_code
;MSLPMLQVALDNQTMDSAYETTRLIAEEVDIIEVGTILCVGEGVRAVRDLKALYPHKIVLADAKIADAGKILSRMCFEAN
ADWVTVICCADINTAKGALDVAKEFNGDVQIELTGYWTWEQAQQWRDAGIGQVVYHRSRDAQAAGVAWGEADITAIKRLS
DMGFKVTVTGGLALEDLPLFKGIPIHVFIAGRSIRDAASPVEAARQFKRSIAELWG
;
_entity_poly.pdbx_strand_id   A,B
#
loop_
_chem_comp.id
_chem_comp.type
_chem_comp.name
_chem_comp.formula
MG non-polymer 'MAGNESIUM ION' 'Mg 2'
PO4 non-polymer 'PHOSPHATE ION' 'O4 P -3'
#
# COMPACT_ATOMS: atom_id res chain seq x y z
N LEU A 3 -18.24 1.14 24.53
CA LEU A 3 -17.01 0.37 24.80
C LEU A 3 -16.17 0.17 23.54
N PRO A 4 -14.84 0.23 23.68
CA PRO A 4 -13.98 0.03 22.51
C PRO A 4 -14.27 -1.36 21.94
N MET A 5 -14.34 -1.48 20.62
CA MET A 5 -14.61 -2.78 20.01
C MET A 5 -13.30 -3.56 19.86
N LEU A 6 -13.42 -4.86 19.63
CA LEU A 6 -12.24 -5.71 19.45
C LEU A 6 -12.17 -6.16 17.99
N GLN A 7 -11.00 -5.95 17.38
CA GLN A 7 -10.80 -6.31 15.98
C GLN A 7 -9.63 -7.29 15.88
N VAL A 8 -9.80 -8.32 15.06
CA VAL A 8 -8.73 -9.28 14.87
C VAL A 8 -8.13 -9.04 13.49
N ALA A 9 -6.80 -8.94 13.43
CA ALA A 9 -6.12 -8.71 12.17
C ALA A 9 -5.71 -10.05 11.58
N LEU A 10 -6.19 -10.34 10.38
CA LEU A 10 -5.82 -11.60 9.72
C LEU A 10 -4.67 -11.30 8.77
N ASP A 11 -3.45 -11.41 9.28
CA ASP A 11 -2.27 -11.17 8.49
C ASP A 11 -1.71 -12.51 8.01
N ASN A 12 -2.58 -13.28 7.37
CA ASN A 12 -2.24 -14.59 6.86
C ASN A 12 -1.97 -14.48 5.36
N GLN A 13 -1.19 -15.40 4.81
CA GLN A 13 -0.86 -15.35 3.39
C GLN A 13 -1.87 -16.08 2.51
N THR A 14 -2.68 -16.96 3.11
CA THR A 14 -3.70 -17.70 2.37
C THR A 14 -5.00 -17.77 3.16
N MET A 15 -6.10 -17.99 2.46
CA MET A 15 -7.41 -18.08 3.11
C MET A 15 -7.48 -19.22 4.10
N ASP A 16 -6.96 -20.38 3.73
CA ASP A 16 -7.03 -21.52 4.65
C ASP A 16 -6.29 -21.24 5.96
N SER A 17 -5.20 -20.48 5.89
CA SER A 17 -4.44 -20.12 7.09
C SER A 17 -5.31 -19.16 7.94
N ALA A 18 -5.98 -18.22 7.28
CA ALA A 18 -6.84 -17.28 7.99
C ALA A 18 -8.00 -18.00 8.67
N TYR A 19 -8.55 -19.02 8.01
CA TYR A 19 -9.67 -19.75 8.58
C TYR A 19 -9.30 -20.52 9.84
N GLU A 20 -8.02 -20.87 9.97
CA GLU A 20 -7.56 -21.57 11.16
C GLU A 20 -7.84 -20.69 12.37
N THR A 21 -7.81 -19.37 12.16
CA THR A 21 -8.07 -18.41 13.22
C THR A 21 -9.56 -18.06 13.31
N THR A 22 -10.18 -17.71 12.19
CA THR A 22 -11.59 -17.34 12.24
C THR A 22 -12.50 -18.45 12.75
N ARG A 23 -12.16 -19.70 12.47
CA ARG A 23 -13.01 -20.80 12.93
C ARG A 23 -13.00 -20.89 14.46
N LEU A 24 -12.02 -20.25 15.08
CA LEU A 24 -11.91 -20.26 16.54
C LEU A 24 -12.46 -19.01 17.20
N ILE A 25 -12.19 -17.84 16.63
CA ILE A 25 -12.61 -16.60 17.26
C ILE A 25 -13.51 -15.61 16.53
N ALA A 26 -14.06 -16.00 15.38
CA ALA A 26 -14.95 -15.10 14.64
C ALA A 26 -16.05 -14.52 15.52
N GLU A 27 -16.66 -15.37 16.34
CA GLU A 27 -17.75 -14.94 17.23
C GLU A 27 -17.25 -14.22 18.48
N GLU A 28 -15.95 -14.22 18.70
CA GLU A 28 -15.36 -13.58 19.87
C GLU A 28 -14.92 -12.14 19.64
N VAL A 29 -15.00 -11.68 18.39
CA VAL A 29 -14.60 -10.33 18.05
C VAL A 29 -15.72 -9.56 17.36
N ASP A 30 -15.54 -8.26 17.19
CA ASP A 30 -16.54 -7.43 16.55
C ASP A 30 -16.21 -7.11 15.11
N ILE A 31 -14.92 -7.06 14.81
CA ILE A 31 -14.46 -6.72 13.48
C ILE A 31 -13.44 -7.72 12.97
N ILE A 32 -13.62 -8.16 11.73
CA ILE A 32 -12.68 -9.10 11.12
C ILE A 32 -11.92 -8.33 10.06
N GLU A 33 -10.62 -8.24 10.24
CA GLU A 33 -9.78 -7.51 9.31
C GLU A 33 -9.02 -8.38 8.34
N VAL A 34 -9.14 -8.02 7.06
CA VAL A 34 -8.39 -8.72 6.02
C VAL A 34 -7.09 -7.91 6.02
N GLY A 35 -6.06 -8.43 6.68
CA GLY A 35 -4.79 -7.74 6.77
C GLY A 35 -4.17 -7.47 5.41
N THR A 36 -3.29 -6.48 5.35
CA THR A 36 -2.63 -6.15 4.10
C THR A 36 -1.94 -7.40 3.55
N ILE A 37 -1.35 -8.19 4.44
CA ILE A 37 -0.68 -9.41 4.03
C ILE A 37 -1.63 -10.39 3.33
N LEU A 38 -2.87 -10.51 3.83
CA LEU A 38 -3.83 -11.40 3.21
C LEU A 38 -4.33 -10.81 1.88
N CYS A 39 -4.44 -9.49 1.84
CA CYS A 39 -4.86 -8.79 0.63
C CYS A 39 -3.86 -9.07 -0.49
N VAL A 40 -2.58 -8.99 -0.16
CA VAL A 40 -1.53 -9.22 -1.15
C VAL A 40 -1.40 -10.71 -1.48
N GLY A 41 -1.66 -11.56 -0.49
CA GLY A 41 -1.55 -12.98 -0.73
C GLY A 41 -2.66 -13.57 -1.59
N GLU A 42 -3.90 -13.20 -1.29
CA GLU A 42 -5.05 -13.75 -2.01
C GLU A 42 -5.82 -12.79 -2.88
N GLY A 43 -5.63 -11.49 -2.69
CA GLY A 43 -6.38 -10.54 -3.49
C GLY A 43 -7.70 -10.25 -2.83
N VAL A 44 -8.52 -9.43 -3.48
CA VAL A 44 -9.80 -9.02 -2.93
C VAL A 44 -10.79 -10.15 -2.66
N ARG A 45 -10.55 -11.34 -3.20
CA ARG A 45 -11.46 -12.45 -2.95
C ARG A 45 -11.50 -12.73 -1.45
N ALA A 46 -10.45 -12.33 -0.73
CA ALA A 46 -10.40 -12.55 0.71
C ALA A 46 -11.54 -11.80 1.39
N VAL A 47 -11.80 -10.59 0.94
CA VAL A 47 -12.86 -9.76 1.51
C VAL A 47 -14.22 -10.38 1.24
N ARG A 48 -14.44 -10.78 -0.01
CA ARG A 48 -15.71 -11.38 -0.41
C ARG A 48 -15.97 -12.68 0.34
N ASP A 49 -14.95 -13.52 0.43
CA ASP A 49 -15.10 -14.80 1.11
C ASP A 49 -15.38 -14.64 2.61
N LEU A 50 -14.64 -13.77 3.27
CA LEU A 50 -14.84 -13.57 4.70
C LEU A 50 -16.18 -12.90 5.04
N LYS A 51 -16.63 -11.95 4.23
CA LYS A 51 -17.91 -11.32 4.51
C LYS A 51 -19.04 -12.33 4.30
N ALA A 52 -18.87 -13.24 3.35
CA ALA A 52 -19.89 -14.27 3.08
C ALA A 52 -19.99 -15.21 4.28
N LEU A 53 -18.86 -15.48 4.91
CA LEU A 53 -18.82 -16.37 6.07
C LEU A 53 -19.33 -15.70 7.35
N TYR A 54 -18.99 -14.43 7.50
CA TYR A 54 -19.35 -13.68 8.70
C TYR A 54 -20.04 -12.38 8.34
N PRO A 55 -21.21 -12.46 7.71
CA PRO A 55 -21.99 -11.29 7.29
C PRO A 55 -22.42 -10.37 8.42
N HIS A 56 -22.54 -10.94 9.63
CA HIS A 56 -22.96 -10.20 10.81
C HIS A 56 -21.81 -9.45 11.47
N LYS A 57 -20.61 -9.57 10.92
CA LYS A 57 -19.46 -8.87 11.47
C LYS A 57 -19.01 -7.78 10.53
N ILE A 58 -18.32 -6.79 11.08
CA ILE A 58 -17.78 -5.70 10.26
C ILE A 58 -16.53 -6.29 9.62
N VAL A 59 -16.43 -6.17 8.30
CA VAL A 59 -15.27 -6.68 7.58
C VAL A 59 -14.46 -5.51 7.03
N LEU A 60 -13.20 -5.42 7.46
CA LEU A 60 -12.32 -4.35 7.05
C LEU A 60 -11.26 -4.84 6.07
N ALA A 61 -11.16 -4.16 4.93
CA ALA A 61 -10.17 -4.49 3.93
C ALA A 61 -8.99 -3.55 4.16
N ASP A 62 -7.92 -4.07 4.77
CA ASP A 62 -6.76 -3.25 5.07
C ASP A 62 -5.85 -3.16 3.83
N ALA A 63 -6.37 -2.52 2.78
CA ALA A 63 -5.63 -2.38 1.54
C ALA A 63 -4.56 -1.28 1.55
N LYS A 64 -4.66 -0.35 2.50
CA LYS A 64 -3.70 0.74 2.61
C LYS A 64 -3.55 1.42 1.25
N ILE A 65 -4.68 1.81 0.69
CA ILE A 65 -4.75 2.48 -0.60
C ILE A 65 -3.85 3.72 -0.63
N ALA A 66 -2.98 3.80 -1.64
CA ALA A 66 -2.06 4.93 -1.74
C ALA A 66 -2.39 5.87 -2.89
N ASP A 67 -3.19 5.40 -3.84
CA ASP A 67 -3.57 6.18 -5.01
C ASP A 67 -4.71 5.44 -5.69
N ALA A 68 -5.34 6.07 -6.68
CA ALA A 68 -6.47 5.44 -7.39
C ALA A 68 -7.53 5.10 -6.34
N GLY A 69 -7.79 6.06 -5.46
CA GLY A 69 -8.75 5.88 -4.37
C GLY A 69 -10.09 5.31 -4.77
N LYS A 70 -10.71 5.90 -5.79
CA LYS A 70 -12.02 5.43 -6.22
C LYS A 70 -11.97 4.03 -6.81
N ILE A 71 -10.92 3.73 -7.57
CA ILE A 71 -10.81 2.41 -8.21
C ILE A 71 -10.60 1.31 -7.20
N LEU A 72 -9.58 1.45 -6.36
CA LEU A 72 -9.29 0.43 -5.35
C LEU A 72 -10.41 0.30 -4.32
N SER A 73 -11.00 1.42 -3.91
N SER A 73 -11.00 1.43 -3.92
CA SER A 73 -12.08 1.36 -2.94
CA SER A 73 -12.08 1.40 -2.95
C SER A 73 -13.27 0.62 -3.52
C SER A 73 -13.27 0.63 -3.52
N ARG A 74 -13.62 0.92 -4.78
CA ARG A 74 -14.74 0.24 -5.41
C ARG A 74 -14.49 -1.26 -5.47
N MET A 75 -13.26 -1.66 -5.77
CA MET A 75 -12.95 -3.08 -5.82
C MET A 75 -13.23 -3.74 -4.47
N CYS A 76 -12.85 -3.08 -3.38
CA CYS A 76 -13.07 -3.63 -2.05
C CYS A 76 -14.55 -3.63 -1.66
N PHE A 77 -15.26 -2.55 -1.98
CA PHE A 77 -16.67 -2.47 -1.62
C PHE A 77 -17.53 -3.39 -2.49
N GLU A 78 -17.12 -3.63 -3.73
CA GLU A 78 -17.88 -4.55 -4.58
C GLU A 78 -17.67 -5.96 -4.04
N ALA A 79 -16.60 -6.13 -3.26
CA ALA A 79 -16.28 -7.41 -2.63
C ALA A 79 -16.95 -7.49 -1.27
N ASN A 80 -17.83 -6.52 -1.02
CA ASN A 80 -18.61 -6.45 0.20
C ASN A 80 -17.93 -5.99 1.49
N ALA A 81 -16.84 -5.26 1.36
CA ALA A 81 -16.15 -4.75 2.55
C ALA A 81 -17.04 -3.70 3.21
N ASP A 82 -16.85 -3.52 4.51
CA ASP A 82 -17.61 -2.52 5.25
C ASP A 82 -16.74 -1.28 5.37
N TRP A 83 -15.46 -1.50 5.66
CA TRP A 83 -14.50 -0.42 5.80
C TRP A 83 -13.25 -0.72 4.98
N VAL A 84 -12.53 0.32 4.59
N VAL A 84 -12.53 0.32 4.59
CA VAL A 84 -11.30 0.17 3.83
CA VAL A 84 -11.29 0.16 3.84
C VAL A 84 -10.28 1.17 4.40
C VAL A 84 -10.28 1.17 4.40
N THR A 85 -9.00 0.85 4.27
CA THR A 85 -7.97 1.75 4.76
C THR A 85 -7.22 2.43 3.63
N VAL A 86 -6.83 3.67 3.88
CA VAL A 86 -6.07 4.49 2.95
C VAL A 86 -4.80 4.85 3.71
N ILE A 87 -3.64 4.63 3.10
CA ILE A 87 -2.39 4.94 3.80
C ILE A 87 -2.27 6.45 4.04
N CYS A 88 -1.69 6.81 5.19
CA CYS A 88 -1.55 8.21 5.59
C CYS A 88 -0.87 9.18 4.64
N CYS A 89 0.10 8.72 3.85
CA CYS A 89 0.80 9.63 2.96
C CYS A 89 0.08 9.91 1.64
N ALA A 90 -1.02 9.22 1.38
CA ALA A 90 -1.75 9.40 0.13
C ALA A 90 -2.18 10.84 -0.10
N ASP A 91 -2.25 11.23 -1.36
CA ASP A 91 -2.69 12.57 -1.73
C ASP A 91 -4.09 12.71 -1.14
N ILE A 92 -4.44 13.89 -0.66
CA ILE A 92 -5.76 14.08 -0.08
C ILE A 92 -6.91 13.68 -1.00
N ASN A 93 -6.69 13.78 -2.31
CA ASN A 93 -7.74 13.41 -3.25
C ASN A 93 -7.97 11.90 -3.28
N THR A 94 -6.98 11.14 -2.83
CA THR A 94 -7.13 9.69 -2.78
C THR A 94 -8.12 9.35 -1.66
N ALA A 95 -7.94 9.96 -0.49
CA ALA A 95 -8.83 9.71 0.63
C ALA A 95 -10.23 10.19 0.26
N LYS A 96 -10.31 11.32 -0.45
CA LYS A 96 -11.61 11.84 -0.85
C LYS A 96 -12.32 10.89 -1.81
N GLY A 97 -11.56 10.35 -2.76
CA GLY A 97 -12.13 9.43 -3.73
C GLY A 97 -12.63 8.15 -3.09
N ALA A 98 -11.84 7.62 -2.15
CA ALA A 98 -12.22 6.39 -1.47
C ALA A 98 -13.46 6.62 -0.61
N LEU A 99 -13.54 7.79 0.02
CA LEU A 99 -14.68 8.12 0.86
C LEU A 99 -15.95 8.27 0.01
N ASP A 100 -15.83 8.91 -1.15
CA ASP A 100 -16.98 9.08 -2.03
C ASP A 100 -17.57 7.73 -2.40
N VAL A 101 -16.70 6.78 -2.72
CA VAL A 101 -17.16 5.44 -3.08
C VAL A 101 -17.72 4.73 -1.85
N ALA A 102 -17.04 4.86 -0.72
CA ALA A 102 -17.50 4.22 0.51
C ALA A 102 -18.95 4.60 0.81
N LYS A 103 -19.26 5.88 0.66
CA LYS A 103 -20.62 6.35 0.93
C LYS A 103 -21.65 5.67 0.04
N GLU A 104 -21.26 5.31 -1.18
CA GLU A 104 -22.16 4.63 -2.10
C GLU A 104 -22.58 3.26 -1.60
N PHE A 105 -21.70 2.63 -0.83
CA PHE A 105 -21.96 1.30 -0.29
C PHE A 105 -22.27 1.33 1.20
N ASN A 106 -22.52 2.52 1.74
CA ASN A 106 -22.83 2.67 3.15
C ASN A 106 -21.66 2.16 3.98
N GLY A 107 -20.45 2.34 3.45
CA GLY A 107 -19.25 1.90 4.15
C GLY A 107 -18.48 3.09 4.68
N ASP A 108 -17.23 2.87 5.08
CA ASP A 108 -16.42 3.95 5.62
C ASP A 108 -14.95 3.76 5.31
N VAL A 109 -14.19 4.85 5.48
CA VAL A 109 -12.76 4.87 5.23
C VAL A 109 -11.97 5.21 6.48
N GLN A 110 -10.85 4.52 6.67
CA GLN A 110 -9.98 4.78 7.80
C GLN A 110 -8.63 5.18 7.24
N ILE A 111 -8.00 6.19 7.85
CA ILE A 111 -6.67 6.57 7.40
C ILE A 111 -5.72 5.72 8.25
N GLU A 112 -4.87 4.94 7.60
CA GLU A 112 -3.94 4.09 8.31
C GLU A 112 -2.69 4.89 8.64
N LEU A 113 -2.48 5.15 9.93
CA LEU A 113 -1.33 5.93 10.37
C LEU A 113 -0.12 5.03 10.61
N THR A 114 0.35 4.40 9.54
CA THR A 114 1.53 3.55 9.59
C THR A 114 2.61 4.32 8.86
N GLY A 115 3.67 4.66 9.57
CA GLY A 115 4.74 5.41 8.96
C GLY A 115 4.64 6.89 9.29
N TYR A 116 5.24 7.72 8.44
CA TYR A 116 5.26 9.15 8.65
C TYR A 116 4.07 9.95 8.10
N TRP A 117 3.55 10.86 8.93
CA TRP A 117 2.44 11.73 8.55
C TRP A 117 2.54 13.00 9.39
N THR A 118 1.83 14.05 8.98
CA THR A 118 1.87 15.33 9.70
C THR A 118 0.52 15.78 10.22
N TRP A 119 0.53 16.69 11.19
CA TRP A 119 -0.72 17.18 11.76
C TRP A 119 -1.49 18.01 10.75
N GLU A 120 -0.77 18.58 9.78
CA GLU A 120 -1.42 19.36 8.74
C GLU A 120 -2.24 18.38 7.88
N GLN A 121 -1.67 17.20 7.64
CA GLN A 121 -2.35 16.17 6.87
C GLN A 121 -3.58 15.73 7.65
N ALA A 122 -3.41 15.57 8.96
CA ALA A 122 -4.52 15.16 9.81
C ALA A 122 -5.69 16.13 9.69
N GLN A 123 -5.39 17.43 9.63
CA GLN A 123 -6.46 18.42 9.51
C GLN A 123 -7.15 18.26 8.16
N GLN A 124 -6.38 17.97 7.12
CA GLN A 124 -6.96 17.79 5.79
C GLN A 124 -7.93 16.63 5.79
N TRP A 125 -7.56 15.53 6.45
CA TRP A 125 -8.44 14.37 6.50
C TRP A 125 -9.77 14.75 7.15
N ARG A 126 -9.71 15.51 8.24
CA ARG A 126 -10.94 15.94 8.90
C ARG A 126 -11.76 16.83 8.00
N ASP A 127 -11.11 17.81 7.36
CA ASP A 127 -11.82 18.71 6.46
C ASP A 127 -12.43 17.95 5.30
N ALA A 128 -11.85 16.81 4.95
CA ALA A 128 -12.34 15.98 3.85
C ALA A 128 -13.51 15.10 4.27
N GLY A 129 -13.80 15.07 5.57
CA GLY A 129 -14.89 14.26 6.05
C GLY A 129 -14.51 12.89 6.61
N ILE A 130 -13.20 12.65 6.74
CA ILE A 130 -12.72 11.37 7.27
C ILE A 130 -12.98 11.34 8.77
N GLY A 131 -13.60 10.26 9.24
CA GLY A 131 -13.93 10.16 10.66
C GLY A 131 -13.20 9.08 11.44
N GLN A 132 -12.34 8.32 10.76
CA GLN A 132 -11.60 7.25 11.43
C GLN A 132 -10.13 7.25 11.06
N VAL A 133 -9.29 6.95 12.06
CA VAL A 133 -7.85 6.84 11.84
C VAL A 133 -7.36 5.65 12.65
N VAL A 134 -6.35 4.97 12.14
CA VAL A 134 -5.77 3.83 12.83
C VAL A 134 -4.38 4.21 13.31
N TYR A 135 -4.25 4.47 14.61
CA TYR A 135 -2.95 4.83 15.18
C TYR A 135 -2.22 3.50 15.27
N HIS A 136 -1.26 3.32 14.38
CA HIS A 136 -0.55 2.06 14.26
C HIS A 136 0.96 2.09 14.50
N ARG A 137 1.42 1.45 15.57
CA ARG A 137 2.85 1.38 15.81
C ARG A 137 3.32 0.35 14.80
N SER A 138 4.16 0.78 13.86
CA SER A 138 4.68 -0.10 12.82
C SER A 138 5.24 -1.41 13.35
N ARG A 139 4.93 -2.50 12.66
CA ARG A 139 5.43 -3.83 13.03
C ARG A 139 6.96 -3.82 12.91
N ASP A 140 7.46 -3.16 11.87
CA ASP A 140 8.90 -3.08 11.67
C ASP A 140 9.57 -2.16 12.67
N ALA A 141 8.87 -1.11 13.10
CA ALA A 141 9.42 -0.20 14.09
C ALA A 141 9.49 -0.98 15.40
N GLN A 142 8.43 -1.72 15.68
CA GLN A 142 8.35 -2.54 16.89
C GLN A 142 9.51 -3.52 16.93
N ALA A 143 9.78 -4.16 15.79
CA ALA A 143 10.86 -5.12 15.70
C ALA A 143 12.21 -4.44 15.90
N ALA A 144 12.25 -3.13 15.64
CA ALA A 144 13.48 -2.36 15.78
C ALA A 144 13.65 -1.81 17.19
N GLY A 145 12.77 -2.20 18.10
CA GLY A 145 12.87 -1.75 19.48
C GLY A 145 11.98 -0.58 19.89
N VAL A 146 11.15 -0.09 18.97
CA VAL A 146 10.28 1.03 19.29
C VAL A 146 9.09 0.56 20.14
N ALA A 147 9.01 1.06 21.36
CA ALA A 147 7.94 0.68 22.27
C ALA A 147 6.88 1.78 22.34
N TRP A 148 5.74 1.45 22.94
CA TRP A 148 4.68 2.43 23.11
C TRP A 148 5.15 3.43 24.16
N GLY A 149 4.88 4.71 23.94
CA GLY A 149 5.29 5.73 24.89
C GLY A 149 4.28 6.85 25.05
N GLU A 150 4.57 7.77 25.96
CA GLU A 150 3.68 8.90 26.21
C GLU A 150 3.40 9.73 24.97
N ALA A 151 4.38 9.78 24.05
CA ALA A 151 4.20 10.54 22.82
C ALA A 151 3.02 9.95 22.04
N ASP A 152 2.85 8.63 22.14
CA ASP A 152 1.77 7.97 21.44
C ASP A 152 0.44 8.32 22.09
N ILE A 153 0.39 8.29 23.42
CA ILE A 153 -0.83 8.62 24.14
C ILE A 153 -1.25 10.05 23.84
N THR A 154 -0.28 10.96 23.85
CA THR A 154 -0.55 12.36 23.57
C THR A 154 -1.16 12.53 22.17
N ALA A 155 -0.54 11.86 21.19
CA ALA A 155 -1.01 11.95 19.81
C ALA A 155 -2.41 11.34 19.64
N ILE A 156 -2.65 10.22 20.30
CA ILE A 156 -3.96 9.57 20.23
C ILE A 156 -5.02 10.51 20.80
N LYS A 157 -4.75 11.14 21.94
CA LYS A 157 -5.71 12.05 22.52
C LYS A 157 -5.96 13.24 21.59
N ARG A 158 -4.89 13.72 20.96
CA ARG A 158 -4.99 14.85 20.05
C ARG A 158 -5.88 14.50 18.85
N LEU A 159 -5.68 13.30 18.29
CA LEU A 159 -6.50 12.86 17.17
C LEU A 159 -7.95 12.74 17.60
N SER A 160 -8.16 12.23 18.81
CA SER A 160 -9.51 12.08 19.33
C SER A 160 -10.16 13.45 19.46
N ASP A 161 -9.43 14.41 20.00
CA ASP A 161 -9.95 15.76 20.17
C ASP A 161 -10.28 16.41 18.82
N MET A 162 -9.59 15.97 17.77
CA MET A 162 -9.83 16.51 16.44
C MET A 162 -11.16 16.04 15.87
N GLY A 163 -11.73 15.00 16.49
CA GLY A 163 -13.00 14.49 16.03
C GLY A 163 -12.94 13.10 15.41
N PHE A 164 -11.74 12.53 15.34
CA PHE A 164 -11.57 11.19 14.77
C PHE A 164 -11.95 10.10 15.76
N LYS A 165 -12.46 9.00 15.24
CA LYS A 165 -12.74 7.83 16.06
C LYS A 165 -11.40 7.13 15.87
N VAL A 166 -10.69 6.88 16.96
CA VAL A 166 -9.36 6.29 16.87
C VAL A 166 -9.26 4.80 17.18
N THR A 167 -8.57 4.08 16.28
CA THR A 167 -8.32 2.67 16.47
C THR A 167 -6.87 2.61 16.90
N VAL A 168 -6.56 1.75 17.87
CA VAL A 168 -5.20 1.61 18.35
C VAL A 168 -4.71 0.20 18.08
N THR A 169 -3.49 0.09 17.56
CA THR A 169 -2.93 -1.21 17.24
C THR A 169 -1.43 -1.15 16.98
N GLY A 170 -0.80 -2.32 17.02
CA GLY A 170 0.63 -2.40 16.78
C GLY A 170 1.29 -3.30 17.80
N GLY A 171 1.13 -4.61 17.61
CA GLY A 171 1.72 -5.57 18.53
C GLY A 171 1.22 -5.41 19.95
N LEU A 172 -0.06 -5.10 20.10
CA LEU A 172 -0.63 -4.93 21.43
C LEU A 172 -0.76 -6.24 22.17
N ALA A 173 -0.42 -6.21 23.45
CA ALA A 173 -0.52 -7.37 24.33
C ALA A 173 -1.64 -7.00 25.30
N LEU A 174 -2.19 -7.99 26.00
CA LEU A 174 -3.26 -7.73 26.94
C LEU A 174 -2.88 -6.64 27.94
N GLU A 175 -1.65 -6.71 28.45
CA GLU A 175 -1.14 -5.77 29.42
C GLU A 175 -1.01 -4.32 28.95
N ASP A 176 -1.07 -4.10 27.63
CA ASP A 176 -0.93 -2.74 27.10
C ASP A 176 -2.19 -1.90 27.20
N LEU A 177 -3.35 -2.55 27.34
CA LEU A 177 -4.63 -1.82 27.40
C LEU A 177 -4.71 -0.67 28.39
N PRO A 178 -4.23 -0.86 29.63
CA PRO A 178 -4.30 0.22 30.62
C PRO A 178 -3.64 1.54 30.20
N LEU A 179 -2.66 1.46 29.30
CA LEU A 179 -1.97 2.66 28.83
C LEU A 179 -2.91 3.67 28.19
N PHE A 180 -4.00 3.17 27.61
CA PHE A 180 -4.94 4.03 26.92
C PHE A 180 -6.22 4.34 27.71
N LYS A 181 -6.24 3.95 28.97
CA LYS A 181 -7.42 4.19 29.80
C LYS A 181 -7.80 5.67 29.83
N GLY A 182 -9.11 5.93 29.85
CA GLY A 182 -9.59 7.30 29.89
C GLY A 182 -9.83 7.94 28.54
N ILE A 183 -9.33 7.30 27.48
CA ILE A 183 -9.48 7.81 26.12
C ILE A 183 -10.60 7.04 25.43
N PRO A 184 -11.51 7.74 24.71
CA PRO A 184 -12.62 7.09 24.02
C PRO A 184 -12.20 6.30 22.77
N ILE A 185 -11.35 5.30 22.97
CA ILE A 185 -10.86 4.46 21.88
C ILE A 185 -12.01 3.76 21.17
N HIS A 186 -12.02 3.85 19.85
CA HIS A 186 -13.08 3.24 19.04
C HIS A 186 -12.89 1.73 18.92
N VAL A 187 -11.67 1.33 18.57
CA VAL A 187 -11.35 -0.08 18.37
C VAL A 187 -9.92 -0.43 18.78
N PHE A 188 -9.74 -1.63 19.32
CA PHE A 188 -8.42 -2.13 19.66
C PHE A 188 -8.22 -3.30 18.70
N ILE A 189 -7.12 -3.30 17.96
CA ILE A 189 -6.83 -4.39 17.02
C ILE A 189 -5.75 -5.28 17.58
N ALA A 190 -6.00 -6.58 17.57
CA ALA A 190 -5.04 -7.56 18.03
C ALA A 190 -4.86 -8.59 16.93
N GLY A 191 -3.63 -8.77 16.50
CA GLY A 191 -3.36 -9.75 15.47
C GLY A 191 -2.61 -10.92 16.08
N ARG A 192 -1.29 -10.78 16.16
CA ARG A 192 -0.45 -11.82 16.73
C ARG A 192 -0.84 -12.28 18.13
N SER A 193 -1.22 -11.34 19.00
N SER A 193 -1.22 -11.34 18.99
CA SER A 193 -1.61 -11.68 20.36
CA SER A 193 -1.60 -11.67 20.37
C SER A 193 -2.83 -12.58 20.44
C SER A 193 -2.83 -12.58 20.44
N ILE A 194 -3.59 -12.66 19.35
CA ILE A 194 -4.77 -13.52 19.32
C ILE A 194 -4.51 -14.75 18.46
N ARG A 195 -4.12 -14.53 17.21
CA ARG A 195 -3.85 -15.63 16.29
C ARG A 195 -2.81 -16.63 16.80
N ASP A 196 -1.73 -16.11 17.37
CA ASP A 196 -0.64 -16.96 17.83
C ASP A 196 -0.65 -17.36 19.30
N ALA A 197 -1.74 -17.04 20.00
CA ALA A 197 -1.85 -17.38 21.42
C ALA A 197 -2.07 -18.90 21.56
N ALA A 198 -1.70 -19.44 22.71
CA ALA A 198 -1.89 -20.86 22.97
C ALA A 198 -3.38 -21.16 22.86
N SER A 199 -4.18 -20.21 23.35
CA SER A 199 -5.62 -20.33 23.30
C SER A 199 -6.21 -19.05 22.71
N PRO A 200 -6.39 -19.01 21.39
CA PRO A 200 -6.94 -17.81 20.74
C PRO A 200 -8.28 -17.37 21.36
N VAL A 201 -9.13 -18.33 21.71
CA VAL A 201 -10.42 -18.00 22.30
C VAL A 201 -10.23 -17.26 23.62
N GLU A 202 -9.34 -17.77 24.46
CA GLU A 202 -9.09 -17.15 25.75
C GLU A 202 -8.43 -15.78 25.55
N ALA A 203 -7.53 -15.70 24.58
CA ALA A 203 -6.85 -14.43 24.31
C ALA A 203 -7.89 -13.36 23.94
N ALA A 204 -8.83 -13.72 23.08
CA ALA A 204 -9.87 -12.77 22.67
C ALA A 204 -10.80 -12.39 23.82
N ARG A 205 -11.21 -13.37 24.61
CA ARG A 205 -12.10 -13.09 25.72
C ARG A 205 -11.42 -12.25 26.80
N GLN A 206 -10.11 -12.46 26.98
CA GLN A 206 -9.35 -11.69 27.95
C GLN A 206 -9.33 -10.22 27.54
N PHE A 207 -9.15 -9.97 26.24
CA PHE A 207 -9.12 -8.60 25.76
C PHE A 207 -10.46 -7.92 26.03
N LYS A 208 -11.55 -8.59 25.70
CA LYS A 208 -12.87 -8.03 25.92
C LYS A 208 -13.16 -7.81 27.40
N ARG A 209 -12.69 -8.73 28.24
CA ARG A 209 -12.89 -8.62 29.68
C ARG A 209 -12.17 -7.39 30.21
N SER A 210 -10.91 -7.23 29.82
CA SER A 210 -10.12 -6.10 30.25
C SER A 210 -10.73 -4.79 29.76
N ILE A 211 -11.16 -4.76 28.50
CA ILE A 211 -11.78 -3.57 27.93
C ILE A 211 -13.03 -3.18 28.71
N ALA A 212 -13.89 -4.15 28.98
CA ALA A 212 -15.12 -3.91 29.72
C ALA A 212 -14.80 -3.35 31.11
N GLU A 213 -13.71 -3.83 31.69
CA GLU A 213 -13.29 -3.40 33.02
C GLU A 213 -12.75 -1.97 33.02
N LEU A 214 -11.86 -1.69 32.07
CA LEU A 214 -11.25 -0.36 31.96
C LEU A 214 -12.18 0.73 31.45
N TRP A 215 -13.09 0.37 30.56
CA TRP A 215 -14.02 1.35 29.99
C TRP A 215 -15.44 1.11 30.50
N SER B 2 22.47 6.92 -21.17
CA SER B 2 21.66 5.79 -21.60
C SER B 2 20.23 6.25 -21.82
N LEU B 3 19.51 5.55 -22.70
CA LEU B 3 18.13 5.88 -22.98
C LEU B 3 17.22 5.42 -21.86
N PRO B 4 16.26 6.26 -21.47
CA PRO B 4 15.34 5.85 -20.41
C PRO B 4 14.63 4.60 -20.92
N MET B 5 14.40 3.63 -20.05
CA MET B 5 13.70 2.43 -20.47
C MET B 5 12.20 2.67 -20.35
N LEU B 6 11.41 1.77 -20.91
CA LEU B 6 9.95 1.88 -20.88
C LEU B 6 9.34 0.76 -20.07
N GLN B 7 8.46 1.13 -19.14
CA GLN B 7 7.80 0.17 -18.28
C GLN B 7 6.30 0.29 -18.45
N VAL B 8 5.61 -0.84 -18.53
CA VAL B 8 4.16 -0.79 -18.66
C VAL B 8 3.53 -1.11 -17.30
N ALA B 9 2.60 -0.28 -16.87
CA ALA B 9 1.93 -0.50 -15.60
C ALA B 9 0.67 -1.30 -15.87
N LEU B 10 0.58 -2.49 -15.29
CA LEU B 10 -0.60 -3.31 -15.46
C LEU B 10 -1.52 -3.05 -14.27
N ASP B 11 -2.33 -2.01 -14.39
CA ASP B 11 -3.28 -1.63 -13.36
C ASP B 11 -4.65 -2.25 -13.69
N ASN B 12 -4.61 -3.52 -14.05
CA ASN B 12 -5.81 -4.29 -14.39
C ASN B 12 -6.30 -4.97 -13.11
N GLN B 13 -7.60 -5.28 -13.05
CA GLN B 13 -8.14 -5.92 -11.86
C GLN B 13 -8.10 -7.44 -11.89
N THR B 14 -7.92 -8.02 -13.08
CA THR B 14 -7.84 -9.47 -13.23
C THR B 14 -6.71 -9.84 -14.18
N MET B 15 -6.20 -11.06 -14.06
CA MET B 15 -5.11 -11.51 -14.92
C MET B 15 -5.49 -11.49 -16.39
N ASP B 16 -6.69 -11.95 -16.74
CA ASP B 16 -7.07 -11.98 -18.15
C ASP B 16 -7.07 -10.59 -18.78
N SER B 17 -7.45 -9.59 -18.01
CA SER B 17 -7.45 -8.22 -18.50
C SER B 17 -6.00 -7.81 -18.75
N ALA B 18 -5.13 -8.16 -17.81
CA ALA B 18 -3.72 -7.82 -17.94
C ALA B 18 -3.11 -8.48 -19.18
N TYR B 19 -3.49 -9.73 -19.45
CA TYR B 19 -2.95 -10.45 -20.60
C TYR B 19 -3.40 -9.86 -21.93
N GLU B 20 -4.56 -9.22 -21.96
CA GLU B 20 -5.02 -8.62 -23.19
C GLU B 20 -4.03 -7.52 -23.58
N THR B 21 -3.32 -7.01 -22.59
CA THR B 21 -2.30 -5.99 -22.82
C THR B 21 -0.93 -6.63 -23.06
N THR B 22 -0.52 -7.54 -22.18
CA THR B 22 0.80 -8.15 -22.34
C THR B 22 1.00 -8.96 -23.62
N ARG B 23 -0.04 -9.61 -24.12
CA ARG B 23 0.13 -10.39 -25.34
C ARG B 23 0.49 -9.47 -26.50
N LEU B 24 0.14 -8.20 -26.36
CA LEU B 24 0.43 -7.22 -27.39
C LEU B 24 1.76 -6.49 -27.22
N ILE B 25 2.04 -6.04 -25.99
CA ILE B 25 3.27 -5.26 -25.77
C ILE B 25 4.41 -5.85 -24.93
N ALA B 26 4.33 -7.12 -24.57
CA ALA B 26 5.39 -7.72 -23.78
C ALA B 26 6.77 -7.51 -24.41
N GLU B 27 6.85 -7.62 -25.73
CA GLU B 27 8.13 -7.44 -26.41
C GLU B 27 8.30 -6.04 -26.96
N GLU B 28 7.48 -5.10 -26.47
CA GLU B 28 7.56 -3.73 -26.91
C GLU B 28 8.01 -2.81 -25.77
N VAL B 29 8.10 -3.38 -24.57
CA VAL B 29 8.53 -2.62 -23.40
C VAL B 29 9.67 -3.37 -22.70
N ASP B 30 10.35 -2.70 -21.77
CA ASP B 30 11.47 -3.31 -21.05
C ASP B 30 11.11 -3.92 -19.72
N ILE B 31 10.15 -3.33 -19.02
CA ILE B 31 9.76 -3.80 -17.70
C ILE B 31 8.26 -4.00 -17.63
N ILE B 32 7.86 -5.13 -17.04
CA ILE B 32 6.44 -5.44 -16.89
C ILE B 32 6.10 -5.25 -15.41
N GLU B 33 5.25 -4.27 -15.13
CA GLU B 33 4.85 -3.98 -13.76
C GLU B 33 3.49 -4.54 -13.38
N VAL B 34 3.45 -5.27 -12.28
CA VAL B 34 2.20 -5.78 -11.76
C VAL B 34 1.73 -4.58 -10.91
N GLY B 35 0.78 -3.83 -11.43
CA GLY B 35 0.28 -2.66 -10.73
C GLY B 35 -0.35 -2.98 -9.39
N THR B 36 -0.42 -1.98 -8.52
CA THR B 36 -1.00 -2.18 -7.21
C THR B 36 -2.43 -2.71 -7.34
N ILE B 37 -3.15 -2.19 -8.33
CA ILE B 37 -4.54 -2.62 -8.57
C ILE B 37 -4.60 -4.11 -8.90
N LEU B 38 -3.62 -4.60 -9.67
CA LEU B 38 -3.60 -6.01 -10.03
C LEU B 38 -3.17 -6.85 -8.83
N CYS B 39 -2.27 -6.31 -8.01
CA CYS B 39 -1.81 -7.00 -6.81
C CYS B 39 -2.99 -7.21 -5.87
N VAL B 40 -3.80 -6.16 -5.72
CA VAL B 40 -4.97 -6.22 -4.83
C VAL B 40 -6.06 -7.10 -5.42
N GLY B 41 -6.21 -7.06 -6.74
CA GLY B 41 -7.25 -7.85 -7.38
C GLY B 41 -7.00 -9.33 -7.42
N GLU B 42 -5.78 -9.74 -7.75
CA GLU B 42 -5.45 -11.15 -7.87
C GLU B 42 -4.48 -11.73 -6.82
N GLY B 43 -3.79 -10.86 -6.11
CA GLY B 43 -2.84 -11.36 -5.13
C GLY B 43 -1.51 -11.64 -5.79
N VAL B 44 -0.56 -12.15 -5.03
CA VAL B 44 0.79 -12.41 -5.54
C VAL B 44 0.88 -13.39 -6.71
N ARG B 45 -0.19 -14.12 -6.99
CA ARG B 45 -0.15 -15.05 -8.11
C ARG B 45 0.08 -14.27 -9.41
N ALA B 46 -0.30 -13.00 -9.40
CA ALA B 46 -0.13 -12.16 -10.58
C ALA B 46 1.36 -12.08 -10.93
N VAL B 47 2.19 -11.95 -9.91
CA VAL B 47 3.63 -11.87 -10.11
C VAL B 47 4.17 -13.21 -10.65
N ARG B 48 3.80 -14.29 -9.99
CA ARG B 48 4.25 -15.62 -10.40
C ARG B 48 3.84 -15.95 -11.83
N ASP B 49 2.58 -15.71 -12.16
CA ASP B 49 2.08 -16.02 -13.51
C ASP B 49 2.73 -15.18 -14.59
N LEU B 50 2.89 -13.88 -14.36
CA LEU B 50 3.50 -13.02 -15.36
C LEU B 50 4.97 -13.36 -15.56
N LYS B 51 5.69 -13.65 -14.48
CA LYS B 51 7.10 -13.99 -14.64
C LYS B 51 7.24 -15.30 -15.41
N ALA B 52 6.28 -16.21 -15.21
CA ALA B 52 6.32 -17.50 -15.89
C ALA B 52 6.09 -17.31 -17.39
N LEU B 53 5.28 -16.31 -17.75
CA LEU B 53 5.01 -16.04 -19.16
C LEU B 53 6.15 -15.29 -19.82
N TYR B 54 6.78 -14.39 -19.07
CA TYR B 54 7.86 -13.55 -19.60
C TYR B 54 9.09 -13.60 -18.67
N PRO B 55 9.69 -14.80 -18.54
CA PRO B 55 10.87 -14.97 -17.68
C PRO B 55 12.10 -14.17 -18.04
N HIS B 56 12.20 -13.76 -19.30
CA HIS B 56 13.34 -12.97 -19.77
C HIS B 56 13.17 -11.49 -19.48
N LYS B 57 11.99 -11.10 -19.02
CA LYS B 57 11.72 -9.69 -18.73
C LYS B 57 11.80 -9.37 -17.25
N ILE B 58 12.06 -8.11 -16.94
CA ILE B 58 12.10 -7.65 -15.56
C ILE B 58 10.63 -7.55 -15.14
N VAL B 59 10.28 -8.20 -14.04
CA VAL B 59 8.90 -8.15 -13.54
C VAL B 59 8.93 -7.45 -12.19
N LEU B 60 8.16 -6.37 -12.10
CA LEU B 60 8.13 -5.55 -10.90
C LEU B 60 6.79 -5.65 -10.19
N ALA B 61 6.84 -5.93 -8.89
CA ALA B 61 5.62 -6.04 -8.10
C ALA B 61 5.43 -4.71 -7.38
N ASP B 62 4.46 -3.93 -7.84
CA ASP B 62 4.19 -2.62 -7.26
C ASP B 62 3.28 -2.77 -6.04
N ALA B 63 3.81 -3.40 -5.00
CA ALA B 63 3.05 -3.66 -3.78
C ALA B 63 2.91 -2.46 -2.85
N LYS B 64 3.75 -1.44 -3.04
CA LYS B 64 3.71 -0.25 -2.21
C LYS B 64 3.67 -0.62 -0.73
N ILE B 65 4.60 -1.49 -0.36
CA ILE B 65 4.75 -2.00 1.01
C ILE B 65 4.87 -0.86 2.02
N ALA B 66 3.98 -0.85 3.01
CA ALA B 66 3.97 0.19 4.03
C ALA B 66 4.49 -0.27 5.39
N ASP B 67 4.54 -1.59 5.59
CA ASP B 67 4.99 -2.18 6.84
C ASP B 67 5.14 -3.68 6.57
N ALA B 68 5.75 -4.40 7.50
CA ALA B 68 5.97 -5.85 7.32
C ALA B 68 6.81 -6.02 6.05
N GLY B 69 7.86 -5.21 5.94
CA GLY B 69 8.75 -5.26 4.80
C GLY B 69 9.32 -6.62 4.47
N LYS B 70 9.77 -7.34 5.49
CA LYS B 70 10.32 -8.68 5.27
C LYS B 70 9.27 -9.67 4.77
N ILE B 71 8.12 -9.70 5.44
CA ILE B 71 7.06 -10.62 5.07
C ILE B 71 6.52 -10.36 3.66
N LEU B 72 6.12 -9.11 3.40
CA LEU B 72 5.57 -8.77 2.09
C LEU B 72 6.57 -8.92 0.95
N SER B 73 7.82 -8.50 1.18
CA SER B 73 8.82 -8.60 0.13
C SER B 73 9.12 -10.07 -0.17
N ARG B 74 9.15 -10.90 0.86
N ARG B 74 9.17 -10.92 0.89
CA ARG B 74 9.42 -12.32 0.65
CA ARG B 74 9.40 -12.35 0.74
C ARG B 74 8.31 -12.95 -0.16
C ARG B 74 8.30 -13.00 -0.11
N MET B 75 7.06 -12.56 0.10
CA MET B 75 5.94 -13.10 -0.65
C MET B 75 6.09 -12.80 -2.14
N CYS B 76 6.51 -11.57 -2.44
CA CYS B 76 6.70 -11.16 -3.83
C CYS B 76 7.90 -11.84 -4.49
N PHE B 77 9.00 -11.92 -3.76
CA PHE B 77 10.20 -12.54 -4.32
C PHE B 77 10.07 -14.06 -4.46
N GLU B 78 9.30 -14.69 -3.59
CA GLU B 78 9.10 -16.13 -3.69
C GLU B 78 8.22 -16.39 -4.92
N ALA B 79 7.48 -15.35 -5.33
CA ALA B 79 6.63 -15.42 -6.52
C ALA B 79 7.44 -15.03 -7.76
N ASN B 80 8.76 -14.90 -7.58
CA ASN B 80 9.71 -14.59 -8.65
C ASN B 80 9.79 -13.15 -9.17
N ALA B 81 9.39 -12.19 -8.35
CA ALA B 81 9.49 -10.79 -8.73
C ALA B 81 10.97 -10.43 -8.80
N ASP B 82 11.31 -9.43 -9.61
CA ASP B 82 12.69 -8.96 -9.72
C ASP B 82 12.82 -7.71 -8.86
N TRP B 83 11.77 -6.90 -8.85
N TRP B 83 11.75 -6.93 -8.82
CA TRP B 83 11.77 -5.66 -8.06
CA TRP B 83 11.72 -5.70 -8.03
C TRP B 83 10.46 -5.56 -7.28
C TRP B 83 10.41 -5.59 -7.26
N VAL B 84 10.49 -4.82 -6.18
N VAL B 84 10.46 -4.84 -6.16
CA VAL B 84 9.30 -4.59 -5.36
CA VAL B 84 9.27 -4.60 -5.35
C VAL B 84 9.32 -3.13 -4.94
C VAL B 84 9.32 -3.14 -4.92
N THR B 85 8.15 -2.55 -4.69
CA THR B 85 8.09 -1.16 -4.27
C THR B 85 7.65 -1.04 -2.82
N VAL B 86 8.21 -0.04 -2.14
CA VAL B 86 7.91 0.27 -0.75
C VAL B 86 7.40 1.72 -0.79
N ILE B 87 6.24 1.98 -0.18
CA ILE B 87 5.69 3.33 -0.19
C ILE B 87 6.57 4.29 0.62
N CYS B 88 6.69 5.52 0.13
CA CYS B 88 7.54 6.54 0.74
C CYS B 88 7.40 6.86 2.23
N CYS B 89 6.20 6.70 2.80
CA CYS B 89 6.01 7.03 4.22
C CYS B 89 6.41 5.92 5.17
N ALA B 90 6.69 4.73 4.64
CA ALA B 90 7.05 3.58 5.48
C ALA B 90 8.22 3.85 6.41
N ASP B 91 8.18 3.21 7.58
CA ASP B 91 9.26 3.35 8.56
C ASP B 91 10.52 2.89 7.83
N ILE B 92 11.64 3.56 8.09
CA ILE B 92 12.88 3.20 7.43
C ILE B 92 13.23 1.71 7.59
N ASN B 93 12.81 1.11 8.70
CA ASN B 93 13.08 -0.29 8.93
C ASN B 93 12.32 -1.20 7.97
N THR B 94 11.25 -0.67 7.39
CA THR B 94 10.46 -1.41 6.42
C THR B 94 11.26 -1.51 5.12
N ALA B 95 11.84 -0.38 4.70
CA ALA B 95 12.64 -0.36 3.49
C ALA B 95 13.84 -1.28 3.68
N LYS B 96 14.47 -1.20 4.85
CA LYS B 96 15.63 -2.03 5.13
C LYS B 96 15.27 -3.52 5.12
N GLY B 97 14.11 -3.84 5.68
CA GLY B 97 13.67 -5.23 5.71
C GLY B 97 13.42 -5.77 4.32
N ALA B 98 12.75 -4.98 3.49
CA ALA B 98 12.46 -5.38 2.13
C ALA B 98 13.75 -5.55 1.34
N LEU B 99 14.70 -4.65 1.55
CA LEU B 99 15.97 -4.70 0.84
C LEU B 99 16.78 -5.93 1.22
N ASP B 100 16.74 -6.31 2.50
CA ASP B 100 17.50 -7.48 2.91
C ASP B 100 16.98 -8.74 2.23
N VAL B 101 15.66 -8.86 2.15
CA VAL B 101 15.05 -10.02 1.50
C VAL B 101 15.36 -9.96 0.01
N ALA B 102 15.22 -8.78 -0.58
CA ALA B 102 15.48 -8.60 -2.00
C ALA B 102 16.85 -9.13 -2.39
N LYS B 103 17.86 -8.77 -1.62
CA LYS B 103 19.22 -9.22 -1.90
C LYS B 103 19.34 -10.74 -1.91
N GLU B 104 18.51 -11.41 -1.12
CA GLU B 104 18.52 -12.88 -1.06
C GLU B 104 18.05 -13.50 -2.37
N PHE B 105 17.22 -12.77 -3.11
CA PHE B 105 16.69 -13.25 -4.38
C PHE B 105 17.30 -12.52 -5.57
N ASN B 106 18.39 -11.83 -5.33
CA ASN B 106 19.08 -11.06 -6.37
C ASN B 106 18.11 -10.08 -7.01
N GLY B 107 17.26 -9.49 -6.18
CA GLY B 107 16.29 -8.52 -6.65
C GLY B 107 16.61 -7.17 -6.05
N ASP B 108 15.69 -6.22 -6.19
N ASP B 108 15.69 -6.22 -6.17
CA ASP B 108 15.92 -4.88 -5.65
CA ASP B 108 15.92 -4.91 -5.60
C ASP B 108 14.63 -4.23 -5.16
C ASP B 108 14.62 -4.21 -5.18
N VAL B 109 14.78 -3.08 -4.50
CA VAL B 109 13.65 -2.32 -3.98
C VAL B 109 13.61 -0.88 -4.47
N GLN B 110 12.42 -0.40 -4.77
CA GLN B 110 12.24 0.98 -5.19
C GLN B 110 11.36 1.65 -4.14
N ILE B 111 11.59 2.94 -3.89
CA ILE B 111 10.73 3.66 -2.97
C ILE B 111 9.73 4.34 -3.90
N GLU B 112 8.44 4.11 -3.65
CA GLU B 112 7.39 4.69 -4.47
C GLU B 112 7.02 6.05 -3.90
N LEU B 113 7.32 7.10 -4.64
CA LEU B 113 7.04 8.46 -4.19
C LEU B 113 5.64 8.92 -4.60
N THR B 114 4.64 8.24 -4.07
CA THR B 114 3.25 8.62 -4.32
C THR B 114 2.77 9.20 -3.01
N GLY B 115 2.39 10.47 -3.03
CA GLY B 115 1.93 11.10 -1.81
C GLY B 115 3.00 11.98 -1.20
N TYR B 116 2.89 12.20 0.11
CA TYR B 116 3.83 13.07 0.81
C TYR B 116 5.07 12.38 1.36
N TRP B 117 6.21 13.05 1.22
CA TRP B 117 7.49 12.58 1.71
C TRP B 117 8.43 13.77 1.87
N THR B 118 9.52 13.58 2.61
CA THR B 118 10.45 14.68 2.86
C THR B 118 11.87 14.34 2.43
N TRP B 119 12.70 15.38 2.28
CA TRP B 119 14.08 15.19 1.87
C TRP B 119 14.87 14.47 2.96
N GLU B 120 14.43 14.61 4.20
CA GLU B 120 15.08 13.95 5.32
C GLU B 120 14.89 12.44 5.13
N GLN B 121 13.69 12.05 4.73
CA GLN B 121 13.39 10.65 4.49
C GLN B 121 14.21 10.15 3.31
N ALA B 122 14.31 10.98 2.27
CA ALA B 122 15.07 10.61 1.08
C ALA B 122 16.52 10.28 1.43
N GLN B 123 17.11 11.05 2.35
CA GLN B 123 18.48 10.80 2.75
C GLN B 123 18.59 9.45 3.47
N GLN B 124 17.55 9.12 4.24
CA GLN B 124 17.53 7.85 4.96
C GLN B 124 17.51 6.69 3.98
N TRP B 125 16.71 6.82 2.91
CA TRP B 125 16.65 5.75 1.92
C TRP B 125 18.03 5.52 1.32
N ARG B 126 18.73 6.60 0.98
CA ARG B 126 20.06 6.47 0.40
C ARG B 126 21.02 5.80 1.37
N ASP B 127 21.01 6.25 2.63
CA ASP B 127 21.88 5.67 3.64
C ASP B 127 21.54 4.20 3.84
N ALA B 128 20.28 3.84 3.66
CA ALA B 128 19.83 2.47 3.82
C ALA B 128 20.25 1.60 2.64
N GLY B 129 20.70 2.22 1.56
CA GLY B 129 21.13 1.45 0.40
C GLY B 129 20.15 1.41 -0.75
N ILE B 130 19.08 2.18 -0.68
CA ILE B 130 18.09 2.22 -1.75
C ILE B 130 18.69 2.97 -2.92
N GLY B 131 18.57 2.41 -4.12
CA GLY B 131 19.14 3.06 -5.30
C GLY B 131 18.14 3.48 -6.36
N GLN B 132 16.85 3.24 -6.11
N GLN B 132 16.85 3.26 -6.10
CA GLN B 132 15.80 3.60 -7.07
CA GLN B 132 15.82 3.64 -7.06
C GLN B 132 14.59 4.22 -6.38
C GLN B 132 14.58 4.21 -6.39
N VAL B 133 14.01 5.24 -7.01
CA VAL B 133 12.82 5.88 -6.50
C VAL B 133 11.89 6.10 -7.68
N VAL B 134 10.59 6.06 -7.43
CA VAL B 134 9.61 6.28 -8.49
C VAL B 134 8.94 7.62 -8.23
N TYR B 135 9.31 8.64 -9.00
CA TYR B 135 8.70 9.95 -8.85
C TYR B 135 7.35 9.81 -9.50
N HIS B 136 6.31 9.78 -8.68
CA HIS B 136 4.97 9.53 -9.18
C HIS B 136 3.93 10.62 -8.93
N ARG B 137 3.45 11.22 -10.01
CA ARG B 137 2.40 12.22 -9.86
C ARG B 137 1.14 11.40 -9.61
N SER B 138 0.54 11.60 -8.44
CA SER B 138 -0.66 10.86 -8.06
C SER B 138 -1.76 10.92 -9.11
N ARG B 139 -2.36 9.77 -9.40
CA ARG B 139 -3.44 9.71 -10.38
C ARG B 139 -4.61 10.56 -9.89
N ASP B 140 -4.87 10.50 -8.59
CA ASP B 140 -5.96 11.28 -8.02
C ASP B 140 -5.64 12.77 -8.03
N ALA B 141 -4.37 13.11 -7.87
CA ALA B 141 -3.97 14.52 -7.90
C ALA B 141 -4.14 15.00 -9.34
N GLN B 142 -3.74 14.15 -10.28
CA GLN B 142 -3.86 14.45 -11.70
C GLN B 142 -5.32 14.75 -12.04
N ALA B 143 -6.21 13.89 -11.56
CA ALA B 143 -7.63 14.05 -11.81
C ALA B 143 -8.13 15.37 -11.22
N ALA B 144 -7.47 15.82 -10.16
CA ALA B 144 -7.84 17.06 -9.49
C ALA B 144 -7.23 18.28 -10.16
N GLY B 145 -6.54 18.06 -11.28
CA GLY B 145 -5.94 19.17 -12.01
C GLY B 145 -4.46 19.43 -11.83
N VAL B 146 -3.78 18.62 -11.02
CA VAL B 146 -2.35 18.81 -10.80
C VAL B 146 -1.57 18.40 -12.04
N ALA B 147 -0.87 19.36 -12.65
CA ALA B 147 -0.08 19.08 -13.84
C ALA B 147 1.40 19.00 -13.53
N TRP B 148 2.18 18.48 -14.47
CA TRP B 148 3.63 18.38 -14.28
C TRP B 148 4.17 19.80 -14.35
N GLY B 149 5.10 20.13 -13.46
CA GLY B 149 5.63 21.48 -13.46
C GLY B 149 7.09 21.62 -13.05
N GLU B 150 7.53 22.87 -12.94
CA GLU B 150 8.90 23.19 -12.58
C GLU B 150 9.35 22.50 -11.29
N ALA B 151 8.47 22.50 -10.30
CA ALA B 151 8.77 21.88 -9.01
C ALA B 151 9.13 20.40 -9.16
N ASP B 152 8.44 19.71 -10.07
CA ASP B 152 8.71 18.30 -10.29
C ASP B 152 10.09 18.12 -10.87
N ILE B 153 10.44 18.95 -11.86
CA ILE B 153 11.75 18.88 -12.49
C ILE B 153 12.86 19.10 -11.46
N THR B 154 12.65 20.08 -10.58
CA THR B 154 13.63 20.39 -9.54
C THR B 154 13.83 19.20 -8.61
N ALA B 155 12.73 18.61 -8.15
CA ALA B 155 12.80 17.47 -7.24
C ALA B 155 13.44 16.26 -7.91
N ILE B 156 13.06 16.00 -9.16
CA ILE B 156 13.61 14.88 -9.90
C ILE B 156 15.13 15.03 -10.05
N LYS B 157 15.57 16.22 -10.41
CA LYS B 157 17.00 16.47 -10.56
C LYS B 157 17.73 16.30 -9.24
N ARG B 158 17.13 16.77 -8.16
CA ARG B 158 17.74 16.66 -6.84
C ARG B 158 17.85 15.19 -6.43
N LEU B 159 16.81 14.40 -6.71
CA LEU B 159 16.83 12.98 -6.38
C LEU B 159 17.94 12.28 -7.16
N SER B 160 18.09 12.67 -8.42
CA SER B 160 19.14 12.08 -9.26
C SER B 160 20.50 12.46 -8.70
N ASP B 161 20.66 13.73 -8.30
CA ASP B 161 21.93 14.18 -7.75
C ASP B 161 22.27 13.48 -6.44
N MET B 162 21.24 12.98 -5.75
CA MET B 162 21.46 12.26 -4.49
C MET B 162 21.98 10.86 -4.75
N GLY B 163 21.96 10.44 -6.02
CA GLY B 163 22.46 9.12 -6.36
C GLY B 163 21.40 8.10 -6.72
N PHE B 164 20.13 8.50 -6.69
CA PHE B 164 19.04 7.61 -7.05
C PHE B 164 18.86 7.51 -8.55
N LYS B 165 18.43 6.35 -9.02
CA LYS B 165 18.10 6.18 -10.43
C LYS B 165 16.61 6.49 -10.30
N VAL B 166 16.15 7.49 -11.05
CA VAL B 166 14.76 7.91 -10.95
C VAL B 166 13.85 7.42 -12.07
N THR B 167 12.70 6.88 -11.67
CA THR B 167 11.69 6.43 -12.61
C THR B 167 10.62 7.52 -12.54
N VAL B 168 10.09 7.91 -13.69
CA VAL B 168 9.07 8.96 -13.74
C VAL B 168 7.76 8.40 -14.26
N THR B 169 6.66 8.75 -13.62
CA THR B 169 5.37 8.25 -14.05
C THR B 169 4.23 9.06 -13.45
N GLY B 170 3.03 8.87 -13.99
CA GLY B 170 1.86 9.57 -13.49
C GLY B 170 1.04 10.19 -14.60
N GLY B 171 0.26 9.37 -15.30
CA GLY B 171 -0.57 9.87 -16.38
C GLY B 171 0.25 10.51 -17.49
N LEU B 172 1.42 9.94 -17.76
CA LEU B 172 2.28 10.49 -18.79
C LEU B 172 1.68 10.33 -20.18
N ALA B 173 1.69 11.42 -20.93
CA ALA B 173 1.21 11.40 -22.30
C ALA B 173 2.48 11.55 -23.12
N LEU B 174 2.45 11.08 -24.35
CA LEU B 174 3.62 11.17 -25.22
C LEU B 174 4.17 12.60 -25.21
N GLU B 175 3.26 13.58 -25.25
CA GLU B 175 3.62 14.99 -25.25
C GLU B 175 4.34 15.50 -24.00
N ASP B 176 4.32 14.71 -22.93
CA ASP B 176 4.99 15.13 -21.69
C ASP B 176 6.47 14.80 -21.62
N LEU B 177 6.93 13.88 -22.45
CA LEU B 177 8.35 13.49 -22.42
C LEU B 177 9.36 14.63 -22.55
N PRO B 178 9.14 15.56 -23.48
CA PRO B 178 10.09 16.67 -23.64
C PRO B 178 10.36 17.48 -22.37
N LEU B 179 9.41 17.45 -21.45
CA LEU B 179 9.54 18.19 -20.19
C LEU B 179 10.71 17.67 -19.36
N PHE B 180 11.10 16.42 -19.59
CA PHE B 180 12.18 15.79 -18.83
C PHE B 180 13.49 15.65 -19.59
N LYS B 181 13.56 16.25 -20.77
CA LYS B 181 14.78 16.17 -21.58
C LYS B 181 15.98 16.71 -20.82
N GLY B 182 17.14 16.09 -21.02
CA GLY B 182 18.34 16.54 -20.36
C GLY B 182 18.60 15.93 -19.00
N ILE B 183 17.59 15.25 -18.46
CA ILE B 183 17.70 14.60 -17.15
C ILE B 183 17.91 13.11 -17.40
N PRO B 184 18.85 12.49 -16.67
CA PRO B 184 19.14 11.05 -16.83
C PRO B 184 18.07 10.12 -16.25
N ILE B 185 16.85 10.26 -16.75
CA ILE B 185 15.74 9.43 -16.29
C ILE B 185 16.06 7.95 -16.54
N HIS B 186 15.85 7.12 -15.54
CA HIS B 186 16.14 5.70 -15.66
C HIS B 186 15.05 4.95 -16.41
N VAL B 187 13.79 5.23 -16.06
CA VAL B 187 12.65 4.56 -16.64
C VAL B 187 11.42 5.46 -16.68
N PHE B 188 10.60 5.32 -17.72
CA PHE B 188 9.34 6.04 -17.81
C PHE B 188 8.29 4.94 -17.75
N ILE B 189 7.30 5.12 -16.88
CA ILE B 189 6.23 4.13 -16.78
C ILE B 189 4.99 4.71 -17.42
N ALA B 190 4.37 3.93 -18.30
CA ALA B 190 3.15 4.34 -18.96
C ALA B 190 2.11 3.25 -18.71
N GLY B 191 0.95 3.65 -18.22
CA GLY B 191 -0.12 2.70 -17.96
C GLY B 191 -1.23 2.92 -18.95
N ARG B 192 -2.10 3.86 -18.61
CA ARG B 192 -3.25 4.18 -19.46
C ARG B 192 -2.89 4.55 -20.90
N SER B 193 -1.85 5.35 -21.07
CA SER B 193 -1.44 5.77 -22.42
C SER B 193 -1.10 4.62 -23.35
N ILE B 194 -0.78 3.46 -22.79
CA ILE B 194 -0.46 2.29 -23.59
C ILE B 194 -1.62 1.29 -23.59
N ARG B 195 -2.07 0.91 -22.40
CA ARG B 195 -3.16 -0.07 -22.29
C ARG B 195 -4.45 0.34 -23.00
N ASP B 196 -4.82 1.61 -22.86
CA ASP B 196 -6.08 2.10 -23.43
C ASP B 196 -6.00 2.72 -24.81
N ALA B 197 -4.83 2.67 -25.44
CA ALA B 197 -4.68 3.22 -26.79
C ALA B 197 -5.40 2.36 -27.81
N ALA B 198 -5.77 2.95 -28.94
CA ALA B 198 -6.45 2.21 -30.00
C ALA B 198 -5.53 1.06 -30.40
N SER B 199 -4.23 1.33 -30.42
CA SER B 199 -3.23 0.32 -30.73
C SER B 199 -2.12 0.38 -29.69
N PRO B 200 -2.20 -0.46 -28.64
CA PRO B 200 -1.18 -0.48 -27.59
C PRO B 200 0.23 -0.65 -28.14
N VAL B 201 0.38 -1.49 -29.16
CA VAL B 201 1.69 -1.72 -29.77
C VAL B 201 2.27 -0.44 -30.34
N GLU B 202 1.48 0.26 -31.15
CA GLU B 202 1.97 1.50 -31.74
C GLU B 202 2.18 2.57 -30.68
N ALA B 203 1.36 2.58 -29.63
CA ALA B 203 1.52 3.57 -28.57
C ALA B 203 2.87 3.35 -27.89
N ALA B 204 3.21 2.09 -27.63
CA ALA B 204 4.49 1.77 -27.01
C ALA B 204 5.64 2.16 -27.93
N ARG B 205 5.48 1.86 -29.22
CA ARG B 205 6.54 2.19 -30.18
C ARG B 205 6.74 3.69 -30.28
N GLN B 206 5.66 4.46 -30.17
CA GLN B 206 5.78 5.91 -30.22
C GLN B 206 6.58 6.42 -29.02
N PHE B 207 6.31 5.87 -27.84
CA PHE B 207 7.06 6.28 -26.65
C PHE B 207 8.54 5.97 -26.88
N LYS B 208 8.82 4.78 -27.40
CA LYS B 208 10.22 4.39 -27.66
C LYS B 208 10.88 5.31 -28.68
N ARG B 209 10.18 5.64 -29.76
CA ARG B 209 10.76 6.52 -30.77
C ARG B 209 11.06 7.89 -30.19
N SER B 210 10.13 8.43 -29.41
CA SER B 210 10.32 9.74 -28.82
C SER B 210 11.49 9.72 -27.84
N ILE B 211 11.57 8.68 -27.02
CA ILE B 211 12.65 8.56 -26.07
C ILE B 211 14.00 8.52 -26.77
N ALA B 212 14.09 7.75 -27.84
CA ALA B 212 15.34 7.61 -28.58
C ALA B 212 15.76 8.94 -29.19
N GLU B 213 14.78 9.76 -29.57
CA GLU B 213 15.04 11.05 -30.17
C GLU B 213 15.49 12.07 -29.11
N LEU B 214 14.73 12.12 -28.01
CA LEU B 214 15.01 13.07 -26.94
C LEU B 214 16.28 12.81 -26.14
N TRP B 215 16.67 11.55 -26.02
CA TRP B 215 17.87 11.19 -25.26
C TRP B 215 18.97 10.61 -26.15
N GLY B 216 18.72 10.58 -27.46
CA GLY B 216 19.71 10.03 -28.37
C GLY B 216 20.85 10.98 -28.66
P PO4 C . -0.67 -7.11 15.37
O1 PO4 C . 0.38 -6.06 15.34
O2 PO4 C . -1.64 -6.88 14.28
O3 PO4 C . -0.03 -8.45 15.18
O4 PO4 C . -1.37 -7.08 16.68
MG MG D . -3.23 -4.62 9.47
P PO4 E . -0.52 5.63 -15.62
O1 PO4 E . -0.63 6.80 -14.73
O2 PO4 E . 0.34 5.96 -16.79
O3 PO4 E . 0.09 4.49 -14.86
O4 PO4 E . -1.87 5.22 -16.09
#